data_5SLW
#
_entry.id   5SLW
#
_cell.length_a   67.776
_cell.length_b   68.384
_cell.length_c   138.415
_cell.angle_alpha   90.000
_cell.angle_beta   90.000
_cell.angle_gamma   90.000
#
_symmetry.space_group_name_H-M   'P 21 21 21'
#
loop_
_entity.id
_entity.type
_entity.pdbx_description
1 polymer 'Proofreading exoribonuclease nsp14'
2 non-polymer 'ZINC ION'
3 non-polymer 'PHOSPHATE ION'
4 non-polymer 2-fluoro-N-[2-(pyridin-4-yl)ethyl]benzamide
5 water water
#
_entity_poly.entity_id   1
_entity_poly.type   'polypeptide(L)'
_entity_poly.pdbx_seq_one_letter_code
;SMLFKDCSKVITGLHPTQAPTHLSVDTKFKTEGLCVDIPGIPKDMTYRRLISMMGFKMNYQVNGYPNMFITREEAIRHVR
AWIGFDVEGCHATREAVGTNLPLQLGFSTGVNLVAVPTGYVDTPNNTDFSRVSAKPPPGDQFKHLIPLMYKGLPWNVVRI
KIVQMLSDTLKNLSDRVVFVLWAHGFELTSMKYFVKIGPERTCCLCDRRATCFSTASDTYACWHHSIGFDYVYNPFMIDV
QQWGFTGNLQSNHDLYCQVHGNAHVASCDAIMTRCLAVHECFVKRVDWTIEYPIIGDELKINAACRKVQHMVVKAALLAD
KFPVLHDIGNPKAIKCVPQADVEWKFYDAQPCSDKAYKIEELFYSYATHSDKFTDGVCLFWNCNVDRYPANSIVCRFDTR
VLSNLNLPGCDGGSLYVNKHAFHTPAFDKSAFVNLKQLPFFYYSDSPCESHGKQVVSDIDYVPLKSATCITRCNLGGAVC
RHHANEYRLYLDAYNMMISAGFSLWVYKQFDTYNLWNTFTRLQ
;
_entity_poly.pdbx_strand_id   D
#
loop_
_chem_comp.id
_chem_comp.type
_chem_comp.name
_chem_comp.formula
PO4 non-polymer 'PHOSPHATE ION' 'O4 P -3'
U0V non-polymer 2-fluoro-N-[2-(pyridin-4-yl)ethyl]benzamide 'C14 H13 F N2 O'
ZN non-polymer 'ZINC ION' 'Zn 2'
#
# COMPACT_ATOMS: atom_id res chain seq x y z
N PRO A 20 -23.20 -3.08 16.07
CA PRO A 20 -22.96 -3.32 14.64
C PRO A 20 -21.47 -3.38 14.31
N THR A 21 -20.81 -4.46 14.74
CA THR A 21 -19.39 -4.64 14.50
C THR A 21 -19.12 -5.68 13.38
N HIS A 22 -19.71 -6.88 13.48
CA HIS A 22 -19.50 -7.92 12.48
C HIS A 22 -20.69 -8.07 11.49
N LEU A 23 -20.50 -8.82 10.40
CA LEU A 23 -21.56 -9.04 9.43
C LEU A 23 -22.43 -10.17 9.97
N SER A 24 -23.75 -9.91 10.21
CA SER A 24 -24.65 -10.93 10.73
C SER A 24 -24.75 -12.10 9.76
N VAL A 25 -24.69 -13.33 10.28
CA VAL A 25 -24.87 -14.48 9.40
C VAL A 25 -26.29 -14.53 8.84
N ASP A 26 -27.26 -13.83 9.49
CA ASP A 26 -28.63 -13.75 9.02
C ASP A 26 -28.86 -12.69 7.94
N THR A 27 -27.78 -11.98 7.48
CA THR A 27 -27.84 -11.01 6.39
C THR A 27 -28.08 -11.80 5.10
N LYS A 28 -28.79 -11.18 4.16
CA LYS A 28 -29.09 -11.82 2.89
C LYS A 28 -27.92 -11.74 1.95
N PHE A 29 -27.73 -12.80 1.17
CA PHE A 29 -26.68 -12.92 0.19
C PHE A 29 -27.39 -13.08 -1.16
N LYS A 30 -27.08 -12.20 -2.14
CA LYS A 30 -27.67 -12.29 -3.46
C LYS A 30 -26.97 -13.41 -4.21
N THR A 31 -27.72 -14.40 -4.70
CA THR A 31 -27.15 -15.58 -5.33
C THR A 31 -27.19 -15.61 -6.85
N GLU A 32 -27.62 -14.52 -7.50
CA GLU A 32 -27.69 -14.47 -8.96
C GLU A 32 -26.34 -14.79 -9.66
N GLY A 33 -25.23 -14.25 -9.14
CA GLY A 33 -23.91 -14.50 -9.69
C GLY A 33 -23.42 -15.93 -9.53
N LEU A 34 -24.08 -16.72 -8.67
CA LEU A 34 -23.72 -18.11 -8.36
C LEU A 34 -24.50 -19.15 -9.17
N CYS A 35 -25.55 -18.75 -9.90
CA CYS A 35 -26.43 -19.73 -10.53
C CYS A 35 -25.92 -20.36 -11.85
N VAL A 36 -24.78 -19.93 -12.40
CA VAL A 36 -24.28 -20.62 -13.61
C VAL A 36 -23.45 -21.84 -13.16
N ASP A 37 -22.63 -21.69 -12.10
CA ASP A 37 -21.93 -22.85 -11.54
C ASP A 37 -22.88 -23.69 -10.67
N ILE A 38 -23.85 -23.03 -10.00
CA ILE A 38 -24.80 -23.70 -9.12
C ILE A 38 -26.25 -23.49 -9.58
N PRO A 39 -26.68 -24.24 -10.62
CA PRO A 39 -28.07 -24.09 -11.09
C PRO A 39 -29.09 -24.56 -10.08
N GLY A 40 -30.16 -23.80 -9.95
CA GLY A 40 -31.23 -24.10 -9.01
C GLY A 40 -31.04 -23.43 -7.67
N ILE A 41 -29.92 -22.71 -7.45
CA ILE A 41 -29.64 -22.06 -6.16
C ILE A 41 -30.82 -21.17 -5.70
N PRO A 42 -31.26 -21.28 -4.42
CA PRO A 42 -32.38 -20.46 -3.97
C PRO A 42 -32.05 -18.98 -4.06
N LYS A 43 -33.03 -18.19 -4.43
CA LYS A 43 -32.84 -16.74 -4.51
C LYS A 43 -32.71 -16.18 -3.09
N ASP A 44 -33.49 -16.73 -2.15
CA ASP A 44 -33.50 -16.35 -0.76
C ASP A 44 -32.37 -17.11 -0.10
N MET A 45 -31.37 -16.39 0.40
CA MET A 45 -30.20 -17.02 0.98
C MET A 45 -29.57 -16.12 2.04
N THR A 46 -29.19 -16.69 3.18
CA THR A 46 -28.46 -15.95 4.22
C THR A 46 -27.01 -16.42 4.21
N TYR A 47 -26.10 -15.69 4.89
CA TYR A 47 -24.72 -16.12 5.04
C TYR A 47 -24.67 -17.48 5.80
N ARG A 48 -25.55 -17.64 6.80
CA ARG A 48 -25.72 -18.84 7.62
C ARG A 48 -25.98 -20.07 6.72
N ARG A 49 -26.90 -19.95 5.75
CA ARG A 49 -27.23 -21.07 4.88
C ARG A 49 -26.15 -21.33 3.84
N LEU A 50 -25.52 -20.26 3.32
CA LEU A 50 -24.44 -20.32 2.34
C LEU A 50 -23.22 -21.00 2.94
N ILE A 51 -22.83 -20.63 4.16
CA ILE A 51 -21.69 -21.24 4.87
C ILE A 51 -21.94 -22.75 5.09
N SER A 52 -23.17 -23.11 5.44
CA SER A 52 -23.56 -24.50 5.57
C SER A 52 -23.44 -25.25 4.22
N MET A 53 -23.90 -24.64 3.13
CA MET A 53 -23.83 -25.19 1.77
C MET A 53 -22.36 -25.36 1.35
N MET A 54 -21.48 -24.46 1.81
CA MET A 54 -20.05 -24.54 1.52
C MET A 54 -19.34 -25.71 2.27
N GLY A 55 -20.09 -26.48 3.07
CA GLY A 55 -19.58 -27.61 3.83
C GLY A 55 -19.00 -27.29 5.19
N PHE A 56 -19.29 -26.12 5.76
CA PHE A 56 -18.76 -25.72 7.05
C PHE A 56 -19.83 -25.70 8.15
N LYS A 57 -19.48 -26.10 9.37
CA LYS A 57 -20.43 -26.09 10.49
C LYS A 57 -19.95 -25.09 11.54
N MET A 58 -20.77 -24.07 11.85
CA MET A 58 -20.38 -23.05 12.83
C MET A 58 -20.76 -23.42 14.28
N ASN A 59 -21.64 -24.42 14.49
CA ASN A 59 -22.03 -24.97 15.80
C ASN A 59 -22.49 -23.97 16.90
N TYR A 60 -22.99 -22.76 16.54
CA TYR A 60 -23.37 -21.70 17.51
C TYR A 60 -22.16 -21.36 18.38
N GLN A 61 -21.05 -21.04 17.74
CA GLN A 61 -19.81 -20.76 18.45
C GLN A 61 -19.58 -19.25 18.69
N VAL A 62 -19.51 -18.87 19.99
CA VAL A 62 -19.19 -17.49 20.38
C VAL A 62 -17.74 -17.50 20.79
N ASN A 63 -16.84 -17.61 19.80
CA ASN A 63 -15.42 -17.68 20.09
C ASN A 63 -14.59 -16.88 19.08
N GLY A 64 -14.99 -15.63 18.85
CA GLY A 64 -14.27 -14.69 18.00
C GLY A 64 -14.40 -14.80 16.50
N TYR A 65 -15.00 -15.87 15.98
CA TYR A 65 -15.17 -16.05 14.54
C TYR A 65 -16.67 -16.11 14.24
N PRO A 66 -17.39 -14.96 14.26
CA PRO A 66 -18.86 -15.03 14.07
C PRO A 66 -19.34 -15.32 12.66
N ASN A 67 -18.49 -15.07 11.66
CA ASN A 67 -18.84 -15.24 10.27
C ASN A 67 -17.55 -15.34 9.42
N MET A 68 -17.55 -16.19 8.39
CA MET A 68 -16.42 -16.31 7.45
C MET A 68 -16.33 -15.03 6.56
N PHE A 69 -17.49 -14.45 6.24
CA PHE A 69 -17.69 -13.26 5.45
C PHE A 69 -17.68 -12.02 6.33
N ILE A 70 -17.16 -10.92 5.79
CA ILE A 70 -17.04 -9.69 6.55
C ILE A 70 -17.67 -8.50 5.81
N THR A 71 -17.92 -7.39 6.53
CA THR A 71 -18.45 -6.16 5.92
C THR A 71 -17.35 -5.45 5.10
N ARG A 72 -17.74 -4.46 4.28
CA ARG A 72 -16.87 -3.60 3.52
C ARG A 72 -15.99 -2.81 4.49
N GLU A 73 -16.57 -2.31 5.59
CA GLU A 73 -15.85 -1.55 6.60
C GLU A 73 -14.73 -2.41 7.24
N GLU A 74 -15.05 -3.68 7.60
CA GLU A 74 -14.06 -4.59 8.16
C GLU A 74 -12.99 -4.92 7.10
N ALA A 75 -13.39 -5.07 5.82
CA ALA A 75 -12.43 -5.34 4.73
C ALA A 75 -11.45 -4.20 4.55
N ILE A 76 -11.93 -2.95 4.60
CA ILE A 76 -11.09 -1.76 4.45
C ILE A 76 -10.11 -1.66 5.60
N ARG A 77 -10.54 -2.00 6.84
CA ARG A 77 -9.60 -1.97 7.96
C ARG A 77 -8.47 -3.01 7.82
N HIS A 78 -8.71 -4.07 7.03
CA HIS A 78 -7.78 -5.17 6.82
C HIS A 78 -7.38 -5.28 5.37
N VAL A 79 -7.20 -4.14 4.68
CA VAL A 79 -6.77 -4.15 3.29
C VAL A 79 -5.44 -4.89 3.08
N ARG A 80 -4.52 -4.87 4.09
CA ARG A 80 -3.23 -5.56 3.97
C ARG A 80 -3.37 -7.07 3.81
N ALA A 81 -4.52 -7.63 4.29
CA ALA A 81 -4.84 -9.06 4.23
C ALA A 81 -5.49 -9.48 2.90
N TRP A 82 -5.84 -8.52 2.01
CA TRP A 82 -6.56 -8.84 0.76
C TRP A 82 -5.80 -9.70 -0.25
N ILE A 83 -6.44 -10.79 -0.66
CA ILE A 83 -5.92 -11.73 -1.64
C ILE A 83 -7.08 -12.05 -2.55
N GLY A 84 -7.05 -11.55 -3.77
CA GLY A 84 -8.05 -11.87 -4.76
C GLY A 84 -7.99 -13.35 -5.07
N PHE A 85 -9.16 -14.00 -5.16
CA PHE A 85 -9.21 -15.44 -5.37
C PHE A 85 -10.30 -15.79 -6.34
N ASP A 86 -9.94 -16.58 -7.36
CA ASP A 86 -10.88 -17.02 -8.36
C ASP A 86 -10.65 -18.48 -8.70
N VAL A 87 -11.74 -19.22 -8.97
CA VAL A 87 -11.64 -20.62 -9.38
C VAL A 87 -12.39 -20.80 -10.70
N GLU A 88 -11.70 -21.37 -11.69
CA GLU A 88 -12.31 -21.64 -12.98
C GLU A 88 -12.32 -23.14 -13.25
N GLY A 89 -13.40 -23.66 -13.80
CA GLY A 89 -13.49 -25.07 -14.14
C GLY A 89 -12.66 -25.38 -15.38
N CYS A 90 -11.57 -26.15 -15.23
CA CYS A 90 -10.74 -26.56 -16.37
C CYS A 90 -11.55 -27.50 -17.29
N HIS A 91 -12.35 -28.39 -16.70
CA HIS A 91 -13.22 -29.26 -17.48
C HIS A 91 -14.70 -28.97 -17.13
N GLY A 98 -15.83 -29.23 -9.91
CA GLY A 98 -17.14 -29.83 -10.07
C GLY A 98 -17.19 -31.29 -9.67
N THR A 99 -16.27 -31.70 -8.73
CA THR A 99 -16.08 -33.04 -8.14
C THR A 99 -15.51 -34.05 -9.16
N ASN A 100 -15.87 -33.88 -10.44
CA ASN A 100 -15.42 -34.74 -11.54
C ASN A 100 -14.37 -34.06 -12.42
N LEU A 101 -14.31 -32.71 -12.43
CA LEU A 101 -13.39 -31.96 -13.27
C LEU A 101 -12.26 -31.21 -12.55
N PRO A 102 -11.11 -31.03 -13.22
CA PRO A 102 -9.99 -30.25 -12.62
C PRO A 102 -10.33 -28.75 -12.43
N LEU A 103 -9.88 -28.15 -11.34
CA LEU A 103 -10.14 -26.75 -11.06
C LEU A 103 -8.86 -25.92 -11.12
N GLN A 104 -8.96 -24.72 -11.67
CA GLN A 104 -7.82 -23.82 -11.72
C GLN A 104 -8.03 -22.74 -10.67
N LEU A 105 -7.16 -22.70 -9.67
CA LEU A 105 -7.23 -21.78 -8.54
C LEU A 105 -6.29 -20.64 -8.88
N GLY A 106 -6.78 -19.43 -8.92
CA GLY A 106 -5.97 -18.25 -9.21
C GLY A 106 -5.98 -17.28 -8.07
N PHE A 107 -4.83 -16.68 -7.77
CA PHE A 107 -4.65 -15.74 -6.67
C PHE A 107 -4.09 -14.42 -7.21
N SER A 108 -4.41 -13.28 -6.57
CA SER A 108 -3.91 -11.99 -7.03
C SER A 108 -2.36 -11.86 -6.95
N THR A 109 -1.68 -12.85 -6.39
CA THR A 109 -0.22 -12.93 -6.39
C THR A 109 0.32 -13.38 -7.78
N GLY A 110 -0.59 -13.69 -8.73
CA GLY A 110 -0.23 -14.16 -10.06
C GLY A 110 -0.12 -15.67 -10.17
N VAL A 111 -0.35 -16.39 -9.08
CA VAL A 111 -0.23 -17.84 -9.04
C VAL A 111 -1.51 -18.58 -9.51
N ASN A 112 -1.33 -19.63 -10.33
CA ASN A 112 -2.42 -20.50 -10.78
C ASN A 112 -2.05 -21.94 -10.46
N LEU A 113 -2.81 -22.57 -9.56
CA LEU A 113 -2.61 -23.98 -9.23
C LEU A 113 -3.76 -24.78 -9.84
N VAL A 114 -3.49 -25.99 -10.32
CA VAL A 114 -4.54 -26.85 -10.85
C VAL A 114 -4.76 -28.00 -9.88
N ALA A 115 -5.98 -28.08 -9.32
CA ALA A 115 -6.35 -29.13 -8.40
C ALA A 115 -7.16 -30.20 -9.14
N VAL A 116 -6.74 -31.47 -9.03
CA VAL A 116 -7.45 -32.58 -9.63
C VAL A 116 -8.13 -33.40 -8.53
N PRO A 117 -9.38 -33.84 -8.74
CA PRO A 117 -10.09 -34.59 -7.67
C PRO A 117 -9.77 -36.08 -7.59
N THR A 118 -8.78 -36.55 -8.38
CA THR A 118 -8.33 -37.94 -8.51
C THR A 118 -8.39 -38.77 -7.20
N PRO A 147 1.50 -14.64 -13.52
CA PRO A 147 1.09 -15.54 -14.60
C PRO A 147 1.80 -16.90 -14.51
N LEU A 148 1.95 -17.43 -13.28
CA LEU A 148 2.62 -18.72 -13.06
C LEU A 148 1.63 -19.88 -13.16
N MET A 149 1.80 -20.75 -14.18
CA MET A 149 0.91 -21.88 -14.44
C MET A 149 1.48 -23.21 -13.96
N TYR A 150 0.81 -23.86 -12.99
CA TYR A 150 1.26 -25.15 -12.46
C TYR A 150 0.36 -26.29 -12.95
N LYS A 151 0.94 -27.46 -13.26
CA LYS A 151 0.18 -28.62 -13.73
C LYS A 151 -0.64 -29.28 -12.62
N GLY A 152 -1.72 -29.98 -13.01
CA GLY A 152 -2.67 -30.65 -12.14
C GLY A 152 -2.10 -31.56 -11.07
N LEU A 153 -2.58 -31.40 -9.82
CA LEU A 153 -2.11 -32.18 -8.66
C LEU A 153 -3.26 -32.35 -7.68
N PRO A 154 -3.26 -33.42 -6.85
CA PRO A 154 -4.37 -33.62 -5.92
C PRO A 154 -4.42 -32.58 -4.80
N TRP A 155 -5.60 -32.39 -4.22
CA TRP A 155 -5.85 -31.42 -3.16
C TRP A 155 -4.90 -31.48 -1.98
N ASN A 156 -4.50 -32.69 -1.54
CA ASN A 156 -3.60 -32.84 -0.42
C ASN A 156 -2.25 -32.16 -0.62
N VAL A 157 -1.77 -32.03 -1.88
CA VAL A 157 -0.52 -31.29 -2.13
C VAL A 157 -0.83 -29.82 -2.45
N VAL A 158 -1.94 -29.54 -3.17
CA VAL A 158 -2.33 -28.17 -3.51
C VAL A 158 -2.48 -27.30 -2.24
N ARG A 159 -3.17 -27.84 -1.20
CA ARG A 159 -3.38 -27.15 0.06
C ARG A 159 -2.07 -26.77 0.79
N ILE A 160 -1.01 -27.59 0.66
CA ILE A 160 0.31 -27.28 1.24
C ILE A 160 0.90 -26.03 0.55
N LYS A 161 0.74 -25.96 -0.78
CA LYS A 161 1.24 -24.87 -1.58
C LYS A 161 0.49 -23.55 -1.27
N ILE A 162 -0.82 -23.66 -1.01
CA ILE A 162 -1.67 -22.52 -0.65
C ILE A 162 -1.21 -21.91 0.68
N VAL A 163 -0.96 -22.74 1.68
CA VAL A 163 -0.47 -22.28 2.99
C VAL A 163 0.91 -21.60 2.85
N GLN A 164 1.85 -22.21 2.11
CA GLN A 164 3.16 -21.61 1.88
C GLN A 164 3.02 -20.23 1.18
N MET A 165 2.22 -20.15 0.11
CA MET A 165 2.08 -18.91 -0.66
C MET A 165 1.45 -17.77 0.16
N LEU A 166 0.35 -18.06 0.87
CA LEU A 166 -0.32 -17.06 1.70
C LEU A 166 0.57 -16.63 2.89
N SER A 167 1.32 -17.58 3.50
CA SER A 167 2.21 -17.27 4.62
C SER A 167 3.36 -16.35 4.19
N ASP A 168 3.94 -16.61 3.00
CA ASP A 168 5.03 -15.78 2.48
C ASP A 168 4.57 -14.41 2.06
N THR A 169 3.35 -14.31 1.53
CA THR A 169 2.83 -13.05 1.07
C THR A 169 2.37 -12.20 2.25
N LEU A 170 1.74 -12.82 3.27
CA LEU A 170 1.12 -12.08 4.35
C LEU A 170 1.85 -11.95 5.66
N LYS A 171 2.90 -12.74 5.97
CA LYS A 171 3.52 -12.68 7.29
C LYS A 171 3.97 -11.28 7.73
N ASN A 172 4.46 -10.45 6.82
CA ASN A 172 4.88 -9.09 7.15
C ASN A 172 3.81 -8.04 6.84
N LEU A 173 2.57 -8.45 6.48
CA LEU A 173 1.52 -7.50 6.15
C LEU A 173 0.40 -7.52 7.17
N SER A 174 -0.08 -8.70 7.55
CA SER A 174 -1.27 -8.79 8.36
C SER A 174 -1.35 -10.04 9.25
N ASP A 175 -2.27 -10.02 10.23
CA ASP A 175 -2.56 -11.16 11.09
C ASP A 175 -3.63 -12.11 10.50
N ARG A 176 -4.09 -11.87 9.26
CA ARG A 176 -5.13 -12.67 8.64
C ARG A 176 -5.03 -12.67 7.12
N VAL A 177 -5.96 -13.35 6.45
CA VAL A 177 -6.17 -13.33 5.01
C VAL A 177 -7.63 -12.97 4.80
N VAL A 178 -7.93 -12.14 3.79
CA VAL A 178 -9.28 -11.78 3.38
C VAL A 178 -9.34 -12.13 1.91
N PHE A 179 -10.05 -13.20 1.55
CA PHE A 179 -10.19 -13.60 0.15
C PHE A 179 -11.19 -12.69 -0.52
N VAL A 180 -10.72 -11.90 -1.50
CA VAL A 180 -11.57 -10.98 -2.20
C VAL A 180 -12.12 -11.71 -3.44
N LEU A 181 -13.44 -11.88 -3.49
CA LEU A 181 -14.08 -12.65 -4.56
C LEU A 181 -15.01 -11.84 -5.45
N TRP A 182 -15.22 -12.36 -6.66
CA TRP A 182 -16.27 -11.97 -7.58
C TRP A 182 -16.95 -13.36 -7.78
N ALA A 183 -17.69 -13.76 -6.75
CA ALA A 183 -18.23 -15.10 -6.58
C ALA A 183 -19.22 -15.58 -7.63
N HIS A 184 -18.85 -16.70 -8.29
CA HIS A 184 -19.69 -17.40 -9.24
C HIS A 184 -20.04 -18.84 -8.82
N GLY A 185 -19.45 -19.36 -7.75
CA GLY A 185 -19.80 -20.69 -7.25
C GLY A 185 -18.65 -21.62 -6.92
N PHE A 186 -17.79 -21.94 -7.92
CA PHE A 186 -16.65 -22.86 -7.78
C PHE A 186 -15.66 -22.46 -6.69
N GLU A 187 -15.44 -21.14 -6.49
CA GLU A 187 -14.49 -20.69 -5.47
C GLU A 187 -15.02 -20.97 -4.07
N LEU A 188 -16.31 -20.80 -3.86
CA LEU A 188 -16.93 -21.05 -2.56
C LEU A 188 -16.99 -22.55 -2.26
N THR A 189 -17.39 -23.38 -3.24
CA THR A 189 -17.45 -24.83 -3.04
C THR A 189 -16.07 -25.48 -2.98
N SER A 190 -15.00 -24.79 -3.38
CA SER A 190 -13.65 -25.36 -3.27
C SER A 190 -12.98 -25.07 -1.92
N MET A 191 -13.54 -24.15 -1.11
CA MET A 191 -12.92 -23.78 0.15
C MET A 191 -12.82 -24.92 1.19
N LYS A 192 -13.76 -25.87 1.18
CA LYS A 192 -13.71 -27.01 2.10
C LYS A 192 -12.46 -27.90 1.91
N TYR A 193 -11.84 -27.81 0.73
CA TYR A 193 -10.66 -28.60 0.40
C TYR A 193 -9.37 -28.02 0.95
N PHE A 194 -9.37 -26.76 1.42
CA PHE A 194 -8.14 -26.17 1.96
C PHE A 194 -8.36 -25.29 3.20
N VAL A 195 -9.60 -25.17 3.68
CA VAL A 195 -9.92 -24.31 4.83
C VAL A 195 -10.52 -25.13 5.97
N LYS A 196 -10.04 -24.89 7.18
CA LYS A 196 -10.61 -25.42 8.42
C LYS A 196 -11.05 -24.19 9.23
N ILE A 197 -12.20 -24.28 9.88
CA ILE A 197 -12.69 -23.20 10.73
C ILE A 197 -12.88 -23.70 12.19
N GLY A 198 -13.08 -22.77 13.11
CA GLY A 198 -13.31 -23.09 14.51
C GLY A 198 -13.17 -21.85 15.35
N PRO A 199 -12.92 -22.04 16.65
CA PRO A 199 -12.70 -20.87 17.52
C PRO A 199 -11.41 -20.15 17.20
N GLU A 200 -11.32 -18.87 17.59
CA GLU A 200 -10.08 -18.12 17.45
C GLU A 200 -9.02 -18.75 18.36
N ARG A 201 -7.81 -18.92 17.83
CA ARG A 201 -6.71 -19.57 18.54
C ARG A 201 -5.43 -18.76 18.43
N THR A 202 -4.42 -19.14 19.22
CA THR A 202 -3.12 -18.50 19.12
C THR A 202 -2.13 -19.49 18.52
N CYS A 203 -1.02 -18.95 18.02
CA CYS A 203 0.03 -19.75 17.43
C CYS A 203 0.69 -20.68 18.48
N CYS A 204 1.12 -21.88 18.06
CA CYS A 204 1.80 -22.82 18.96
C CYS A 204 3.19 -22.33 19.36
N LEU A 205 3.85 -21.56 18.50
CA LEU A 205 5.18 -21.01 18.72
C LEU A 205 5.21 -19.51 19.10
N CYS A 206 4.06 -18.80 19.14
CA CYS A 206 4.07 -17.37 19.49
C CYS A 206 2.66 -16.84 19.92
N ASP A 207 2.55 -15.54 20.23
CA ASP A 207 1.30 -14.96 20.71
C ASP A 207 0.39 -14.41 19.61
N ARG A 208 0.78 -14.51 18.33
CA ARG A 208 -0.08 -14.05 17.24
C ARG A 208 -1.25 -14.99 17.04
N ARG A 209 -2.36 -14.50 16.44
CA ARG A 209 -3.51 -15.37 16.18
C ARG A 209 -3.15 -16.44 15.14
N ALA A 210 -3.81 -17.58 15.22
CA ALA A 210 -3.57 -18.69 14.31
C ALA A 210 -4.24 -18.42 12.96
N THR A 211 -3.49 -18.66 11.90
CA THR A 211 -3.99 -18.51 10.52
C THR A 211 -3.88 -19.84 9.73
N CYS A 212 -3.17 -20.84 10.27
CA CYS A 212 -2.94 -22.12 9.65
C CYS A 212 -3.15 -23.26 10.66
N PHE A 213 -3.41 -24.45 10.14
CA PHE A 213 -3.60 -25.64 10.94
C PHE A 213 -2.84 -26.79 10.27
N SER A 214 -2.30 -27.71 11.07
CA SER A 214 -1.61 -28.87 10.53
C SER A 214 -2.31 -30.17 10.94
N THR A 215 -2.70 -31.01 9.96
CA THR A 215 -3.29 -32.32 10.24
C THR A 215 -2.23 -33.34 10.67
N ALA A 216 -0.95 -33.10 10.38
CA ALA A 216 0.14 -33.99 10.76
C ALA A 216 0.39 -33.91 12.27
N SER A 217 0.47 -32.71 12.84
CA SER A 217 0.75 -32.52 14.25
C SER A 217 -0.45 -32.09 15.10
N ASP A 218 -1.63 -31.87 14.52
CA ASP A 218 -2.79 -31.39 15.27
C ASP A 218 -2.53 -30.02 15.96
N THR A 219 -1.73 -29.15 15.33
CA THR A 219 -1.36 -27.86 15.90
C THR A 219 -1.77 -26.66 15.01
N TYR A 220 -1.69 -25.45 15.57
CA TYR A 220 -2.07 -24.21 14.93
C TYR A 220 -0.90 -23.24 14.88
N ALA A 221 -0.78 -22.51 13.78
CA ALA A 221 0.31 -21.56 13.62
C ALA A 221 -0.11 -20.27 12.94
N CYS A 222 0.62 -19.19 13.20
CA CYS A 222 0.42 -17.91 12.55
C CYS A 222 1.13 -17.99 11.15
N TRP A 223 1.15 -16.88 10.36
CA TRP A 223 1.84 -16.85 9.07
C TRP A 223 3.37 -17.00 9.22
N HIS A 224 3.95 -16.62 10.38
CA HIS A 224 5.41 -16.74 10.56
C HIS A 224 5.88 -18.14 10.93
N HIS A 225 4.99 -19.01 11.44
CA HIS A 225 5.44 -20.32 11.95
C HIS A 225 4.73 -21.52 11.36
N SER A 226 4.21 -21.36 10.17
CA SER A 226 3.37 -22.33 9.49
C SER A 226 4.05 -23.28 8.50
N ILE A 227 5.38 -23.37 8.52
CA ILE A 227 6.09 -24.24 7.57
C ILE A 227 5.66 -25.70 7.73
N GLY A 228 5.24 -26.30 6.62
CA GLY A 228 4.74 -27.66 6.65
C GLY A 228 3.26 -27.77 7.00
N PHE A 229 2.59 -26.63 7.29
CA PHE A 229 1.16 -26.66 7.61
C PHE A 229 0.34 -26.83 6.32
N ASP A 230 -0.80 -27.54 6.43
CA ASP A 230 -1.58 -27.87 5.24
C ASP A 230 -2.97 -27.24 5.16
N TYR A 231 -3.48 -26.59 6.22
CA TYR A 231 -4.82 -26.00 6.14
C TYR A 231 -4.86 -24.52 6.45
N VAL A 232 -5.66 -23.74 5.72
CA VAL A 232 -5.87 -22.34 6.04
C VAL A 232 -6.89 -22.35 7.19
N TYR A 233 -6.58 -21.68 8.28
CA TYR A 233 -7.45 -21.67 9.44
C TYR A 233 -8.09 -20.31 9.67
N ASN A 234 -9.42 -20.30 9.80
CA ASN A 234 -10.24 -19.12 10.04
C ASN A 234 -9.96 -17.96 9.06
N PRO A 235 -9.99 -18.21 7.73
CA PRO A 235 -9.80 -17.10 6.80
C PRO A 235 -11.07 -16.23 6.79
N PHE A 236 -10.96 -15.08 6.15
CA PHE A 236 -12.09 -14.18 5.96
C PHE A 236 -12.26 -13.99 4.45
N MET A 237 -13.42 -13.51 4.05
CA MET A 237 -13.72 -13.33 2.64
C MET A 237 -14.83 -12.33 2.44
N ILE A 238 -14.88 -11.76 1.25
CA ILE A 238 -15.87 -10.77 0.86
C ILE A 238 -16.15 -10.93 -0.63
N ASP A 239 -17.43 -10.90 -0.98
CA ASP A 239 -17.87 -11.02 -2.37
C ASP A 239 -18.25 -9.64 -2.86
N VAL A 240 -17.41 -9.08 -3.78
CA VAL A 240 -17.54 -7.78 -4.44
C VAL A 240 -18.88 -7.67 -5.17
N GLN A 241 -19.39 -8.79 -5.70
CA GLN A 241 -20.70 -8.81 -6.37
C GLN A 241 -21.86 -8.43 -5.44
N GLN A 242 -21.67 -8.51 -4.12
CA GLN A 242 -22.71 -8.09 -3.18
C GLN A 242 -22.86 -6.57 -3.09
N TRP A 243 -21.90 -5.82 -3.62
CA TRP A 243 -21.87 -4.38 -3.56
C TRP A 243 -22.80 -3.69 -4.56
N GLY A 244 -23.41 -4.43 -5.47
CA GLY A 244 -24.35 -3.87 -6.43
C GLY A 244 -23.71 -3.38 -7.71
N PHE A 245 -23.39 -4.30 -8.60
CA PHE A 245 -22.77 -3.95 -9.88
C PHE A 245 -23.62 -4.46 -11.02
N THR A 246 -23.52 -3.77 -12.17
CA THR A 246 -24.20 -4.22 -13.38
C THR A 246 -23.11 -4.72 -14.30
N GLY A 247 -23.32 -5.89 -14.88
CA GLY A 247 -22.33 -6.45 -15.80
C GLY A 247 -21.27 -7.29 -15.13
N ASN A 248 -20.42 -7.90 -15.95
CA ASN A 248 -19.41 -8.82 -15.48
C ASN A 248 -18.18 -8.12 -14.86
N LEU A 249 -17.25 -8.91 -14.29
CA LEU A 249 -16.02 -8.40 -13.68
C LEU A 249 -15.19 -7.57 -14.65
N GLN A 250 -14.87 -8.11 -15.83
CA GLN A 250 -14.04 -7.39 -16.79
C GLN A 250 -14.62 -6.02 -17.16
N SER A 251 -15.93 -5.92 -17.42
CA SER A 251 -16.54 -4.65 -17.77
C SER A 251 -16.49 -3.61 -16.64
N ASN A 252 -16.58 -4.02 -15.38
CA ASN A 252 -16.49 -3.06 -14.28
C ASN A 252 -15.03 -2.68 -14.00
N HIS A 253 -14.10 -3.66 -14.03
CA HIS A 253 -12.68 -3.39 -13.80
C HIS A 253 -12.14 -2.45 -14.89
N ASP A 254 -12.41 -2.77 -16.18
CA ASP A 254 -11.92 -2.00 -17.32
C ASP A 254 -12.45 -0.56 -17.39
N LEU A 255 -13.48 -0.22 -16.62
CA LEU A 255 -13.96 1.16 -16.55
C LEU A 255 -12.89 2.07 -15.90
N TYR A 256 -12.11 1.53 -14.96
CA TYR A 256 -11.14 2.30 -14.18
C TYR A 256 -9.68 1.87 -14.35
N CYS A 257 -9.38 0.77 -15.07
CA CYS A 257 -8.01 0.29 -15.14
C CYS A 257 -7.62 -0.33 -16.48
N GLN A 258 -6.45 0.08 -16.99
CA GLN A 258 -5.90 -0.46 -18.24
C GLN A 258 -4.63 -1.28 -18.04
N VAL A 259 -4.12 -1.36 -16.81
CA VAL A 259 -2.87 -2.03 -16.47
C VAL A 259 -3.04 -3.56 -16.33
N HIS A 260 -4.22 -4.02 -15.88
CA HIS A 260 -4.47 -5.45 -15.78
C HIS A 260 -5.28 -5.89 -16.96
N GLY A 261 -4.77 -6.86 -17.69
CA GLY A 261 -5.46 -7.40 -18.84
C GLY A 261 -6.15 -8.71 -18.50
N ASN A 262 -6.98 -9.22 -19.42
CA ASN A 262 -7.63 -10.51 -19.18
C ASN A 262 -7.04 -11.58 -20.06
N ALA A 263 -6.05 -12.32 -19.56
CA ALA A 263 -5.47 -13.43 -20.35
C ALA A 263 -6.33 -14.70 -20.30
N HIS A 264 -7.54 -14.62 -19.69
CA HIS A 264 -8.51 -15.70 -19.53
C HIS A 264 -8.01 -16.83 -18.61
N VAL A 265 -7.27 -16.48 -17.55
CA VAL A 265 -6.82 -17.41 -16.52
C VAL A 265 -7.33 -16.93 -15.15
N ALA A 266 -7.49 -17.83 -14.20
CA ALA A 266 -8.03 -17.52 -12.88
C ALA A 266 -7.27 -16.43 -12.11
N SER A 267 -5.93 -16.36 -12.22
CA SER A 267 -5.16 -15.31 -11.53
C SER A 267 -5.46 -13.93 -12.14
N CYS A 268 -5.77 -13.86 -13.45
CA CYS A 268 -6.12 -12.59 -14.09
C CYS A 268 -7.40 -12.02 -13.47
N ASP A 269 -8.40 -12.88 -13.30
CA ASP A 269 -9.66 -12.52 -12.67
C ASP A 269 -9.46 -12.17 -11.19
N ALA A 270 -8.59 -12.92 -10.48
CA ALA A 270 -8.32 -12.70 -9.06
C ALA A 270 -7.67 -11.30 -8.88
N ILE A 271 -6.75 -10.94 -9.77
CA ILE A 271 -6.08 -9.64 -9.81
C ILE A 271 -7.10 -8.52 -10.09
N MET A 272 -7.94 -8.66 -11.15
CA MET A 272 -8.98 -7.70 -11.52
C MET A 272 -9.97 -7.45 -10.37
N THR A 273 -10.33 -8.54 -9.64
CA THR A 273 -11.26 -8.52 -8.51
C THR A 273 -10.74 -7.65 -7.36
N ARG A 274 -9.49 -7.90 -6.95
CA ARG A 274 -8.85 -7.12 -5.89
C ARG A 274 -8.63 -5.64 -6.32
N CYS A 275 -8.25 -5.41 -7.60
CA CYS A 275 -8.07 -4.06 -8.16
C CYS A 275 -9.40 -3.31 -8.10
N LEU A 276 -10.49 -3.97 -8.49
CA LEU A 276 -11.81 -3.34 -8.48
C LEU A 276 -12.21 -2.99 -7.04
N ALA A 277 -11.97 -3.91 -6.10
CA ALA A 277 -12.26 -3.69 -4.69
C ALA A 277 -11.46 -2.49 -4.16
N VAL A 278 -10.14 -2.39 -4.50
CA VAL A 278 -9.28 -1.25 -4.11
C VAL A 278 -9.84 0.05 -4.71
N HIS A 279 -10.27 0.04 -5.99
CA HIS A 279 -10.84 1.23 -6.61
C HIS A 279 -12.09 1.72 -5.87
N GLU A 280 -12.99 0.79 -5.52
CA GLU A 280 -14.21 1.15 -4.82
C GLU A 280 -13.99 1.68 -3.41
N CYS A 281 -13.00 1.14 -2.72
CA CYS A 281 -12.77 1.46 -1.31
C CYS A 281 -11.74 2.54 -1.07
N PHE A 282 -10.85 2.78 -2.03
CA PHE A 282 -9.74 3.71 -1.82
C PHE A 282 -9.56 4.76 -2.90
N VAL A 283 -10.18 4.56 -4.07
CA VAL A 283 -10.05 5.53 -5.15
C VAL A 283 -11.30 6.40 -5.24
N LYS A 284 -12.48 5.80 -5.49
CA LYS A 284 -13.71 6.56 -5.59
C LYS A 284 -14.30 6.94 -4.21
N ARG A 285 -13.97 6.17 -3.17
CA ARG A 285 -14.39 6.46 -1.81
C ARG A 285 -13.09 6.58 -1.00
N VAL A 286 -12.94 7.63 -0.20
CA VAL A 286 -11.72 7.84 0.57
C VAL A 286 -11.99 8.11 2.05
N ASP A 287 -11.40 7.31 2.93
CA ASP A 287 -11.52 7.55 4.36
C ASP A 287 -10.12 7.64 4.98
N TRP A 288 -9.63 8.86 5.18
CA TRP A 288 -8.31 9.06 5.78
C TRP A 288 -8.29 8.98 7.33
N THR A 289 -9.46 8.81 7.97
CA THR A 289 -9.52 8.71 9.43
C THR A 289 -9.10 7.33 9.93
N ILE A 290 -9.39 6.28 9.15
CA ILE A 290 -9.03 4.91 9.47
C ILE A 290 -7.56 4.75 9.74
N GLU A 291 -7.25 4.32 10.94
CA GLU A 291 -5.90 4.08 11.41
C GLU A 291 -5.49 2.65 11.05
N TYR A 292 -4.22 2.43 10.78
CA TYR A 292 -3.69 1.11 10.46
C TYR A 292 -2.49 0.85 11.36
N PRO A 293 -2.34 -0.38 11.88
CA PRO A 293 -1.20 -0.66 12.78
C PRO A 293 0.19 -0.50 12.17
N ILE A 294 1.19 -0.33 13.04
CA ILE A 294 2.58 -0.25 12.64
C ILE A 294 3.07 -1.66 12.35
N ILE A 295 3.57 -1.91 11.15
CA ILE A 295 4.11 -3.21 10.77
C ILE A 295 5.57 -3.16 10.28
N GLY A 296 6.16 -1.97 10.20
CA GLY A 296 7.51 -1.78 9.72
C GLY A 296 8.14 -0.49 10.18
N ASP A 297 8.78 0.22 9.24
CA ASP A 297 9.54 1.44 9.53
C ASP A 297 8.75 2.73 9.49
N GLU A 298 7.41 2.66 9.61
CA GLU A 298 6.53 3.84 9.59
C GLU A 298 7.05 5.07 10.34
N LEU A 299 7.37 4.93 11.63
CA LEU A 299 7.80 6.06 12.44
C LEU A 299 9.09 6.71 11.97
N LYS A 300 10.08 5.89 11.60
CA LYS A 300 11.36 6.37 11.12
C LYS A 300 11.24 7.04 9.78
N ILE A 301 10.41 6.50 8.87
CA ILE A 301 10.19 7.05 7.53
C ILE A 301 9.55 8.43 7.63
N ASN A 302 8.50 8.56 8.46
CA ASN A 302 7.80 9.84 8.62
C ASN A 302 8.70 10.89 9.27
N ALA A 303 9.55 10.48 10.21
CA ALA A 303 10.51 11.35 10.87
C ALA A 303 11.58 11.81 9.89
N ALA A 304 12.04 10.89 9.03
CA ALA A 304 13.04 11.15 8.00
C ALA A 304 12.49 12.13 6.96
N CYS A 305 11.21 11.97 6.59
CA CYS A 305 10.50 12.81 5.66
C CYS A 305 10.47 14.25 6.18
N ARG A 306 10.21 14.42 7.49
CA ARG A 306 10.18 15.74 8.12
C ARG A 306 11.60 16.34 8.19
N LYS A 307 12.64 15.52 8.42
CA LYS A 307 14.00 16.04 8.47
C LYS A 307 14.45 16.49 7.10
N VAL A 308 14.24 15.65 6.06
CA VAL A 308 14.59 15.96 4.67
C VAL A 308 13.87 17.22 4.14
N GLN A 309 12.57 17.36 4.40
CA GLN A 309 11.81 18.52 3.94
C GLN A 309 12.36 19.81 4.52
N HIS A 310 12.65 19.83 5.82
CA HIS A 310 13.23 21.01 6.45
C HIS A 310 14.62 21.31 5.85
N MET A 311 15.45 20.28 5.63
CA MET A 311 16.77 20.45 5.09
C MET A 311 16.76 21.02 3.67
N VAL A 312 15.99 20.41 2.78
CA VAL A 312 15.93 20.80 1.40
C VAL A 312 15.29 22.19 1.18
N VAL A 313 14.26 22.52 1.94
CA VAL A 313 13.58 23.80 1.77
C VAL A 313 14.42 24.92 2.35
N LYS A 314 15.00 24.70 3.53
CA LYS A 314 15.89 25.68 4.14
C LYS A 314 17.09 26.02 3.22
N ALA A 315 17.68 24.98 2.60
CA ALA A 315 18.83 25.20 1.73
C ALA A 315 18.44 25.87 0.45
N ALA A 316 17.25 25.57 -0.09
CA ALA A 316 16.80 26.23 -1.31
C ALA A 316 16.56 27.74 -1.09
N LEU A 317 16.00 28.10 0.08
CA LEU A 317 15.78 29.49 0.43
C LEU A 317 17.10 30.21 0.68
N LEU A 318 18.11 29.53 1.22
CA LEU A 318 19.42 30.15 1.46
C LEU A 318 20.20 30.33 0.15
N ALA A 319 20.14 29.35 -0.76
CA ALA A 319 20.87 29.36 -2.03
C ALA A 319 20.32 30.34 -3.07
N ASP A 320 18.98 30.48 -3.16
CA ASP A 320 18.39 31.33 -4.18
C ASP A 320 17.56 32.49 -3.64
N LYS A 321 17.48 32.66 -2.31
CA LYS A 321 16.81 33.79 -1.66
C LYS A 321 15.44 34.18 -2.25
N PHE A 322 14.56 33.19 -2.55
CA PHE A 322 13.23 33.48 -3.09
C PHE A 322 12.46 34.37 -2.14
N PRO A 323 11.81 35.41 -2.63
CA PRO A 323 11.04 36.29 -1.73
C PRO A 323 9.70 35.67 -1.28
N VAL A 324 9.18 34.70 -2.06
CA VAL A 324 7.90 34.07 -1.78
C VAL A 324 7.92 32.55 -2.05
N LEU A 325 7.26 31.76 -1.18
CA LEU A 325 7.13 30.32 -1.33
C LEU A 325 5.63 30.01 -1.37
N HIS A 326 5.20 29.23 -2.37
CA HIS A 326 3.81 28.80 -2.55
C HIS A 326 3.79 27.33 -2.16
N ASP A 327 3.20 27.03 -1.00
CA ASP A 327 3.18 25.68 -0.42
C ASP A 327 1.85 25.03 -0.84
N ILE A 328 1.91 24.11 -1.82
CA ILE A 328 0.71 23.50 -2.38
C ILE A 328 0.49 22.06 -1.94
N GLY A 329 -0.64 21.81 -1.31
CA GLY A 329 -0.96 20.46 -0.83
C GLY A 329 -1.71 20.44 0.48
N ASN A 330 -1.28 19.57 1.40
CA ASN A 330 -1.87 19.36 2.72
C ASN A 330 -2.60 20.57 3.33
N PRO A 331 -3.95 20.56 3.42
CA PRO A 331 -4.64 21.69 4.05
C PRO A 331 -4.21 21.93 5.52
N LYS A 332 -3.58 20.94 6.16
CA LYS A 332 -3.09 21.05 7.53
C LYS A 332 -1.59 21.34 7.60
N ALA A 333 -0.94 21.76 6.49
CA ALA A 333 0.51 22.00 6.51
C ALA A 333 0.94 23.15 7.40
N ILE A 334 2.12 22.98 7.98
CA ILE A 334 2.82 23.92 8.83
C ILE A 334 4.06 24.38 8.05
N LYS A 335 4.60 25.58 8.33
CA LYS A 335 5.85 26.03 7.66
C LYS A 335 6.98 25.06 8.09
N CYS A 336 7.62 24.38 7.13
CA CYS A 336 8.68 23.42 7.46
C CYS A 336 10.00 24.10 7.87
N VAL A 337 10.16 25.41 7.57
CA VAL A 337 11.32 26.22 7.92
C VAL A 337 10.78 27.48 8.64
N PRO A 338 10.33 27.36 9.90
CA PRO A 338 9.70 28.51 10.58
C PRO A 338 10.54 29.79 10.68
N GLN A 339 11.87 29.68 10.77
CA GLN A 339 12.72 30.86 10.89
C GLN A 339 13.04 31.54 9.55
N ALA A 340 12.58 31.00 8.41
CA ALA A 340 12.88 31.61 7.11
C ALA A 340 12.25 32.98 6.90
N ASP A 341 12.94 33.88 6.19
CA ASP A 341 12.47 35.23 5.94
C ASP A 341 11.27 35.31 4.99
N VAL A 342 11.24 34.40 4.00
CA VAL A 342 10.27 34.25 2.93
C VAL A 342 8.77 34.48 3.28
N GLU A 343 8.02 34.96 2.29
CA GLU A 343 6.58 35.14 2.43
C GLU A 343 6.00 33.76 2.18
N TRP A 344 5.44 33.13 3.21
CA TRP A 344 4.92 31.77 3.11
C TRP A 344 3.43 31.77 2.84
N LYS A 345 3.01 31.28 1.68
CA LYS A 345 1.61 31.25 1.29
C LYS A 345 1.18 29.82 1.03
N PHE A 346 0.09 29.40 1.68
CA PHE A 346 -0.47 28.06 1.59
C PHE A 346 -1.67 27.96 0.65
N TYR A 347 -1.79 26.83 -0.04
CA TYR A 347 -2.85 26.51 -0.97
C TYR A 347 -3.25 25.08 -0.64
N ASP A 348 -4.56 24.86 -0.43
CA ASP A 348 -5.05 23.55 0.01
C ASP A 348 -5.40 22.64 -1.14
N ALA A 349 -4.91 21.42 -1.06
CA ALA A 349 -5.22 20.36 -1.98
C ALA A 349 -5.02 19.05 -1.25
N GLN A 350 -6.09 18.26 -1.17
CA GLN A 350 -6.06 16.97 -0.53
C GLN A 350 -5.28 15.98 -1.41
N PRO A 351 -4.77 14.86 -0.85
CA PRO A 351 -4.04 13.91 -1.70
C PRO A 351 -4.97 13.35 -2.77
N CYS A 352 -4.53 13.36 -4.03
CA CYS A 352 -5.36 12.84 -5.12
C CYS A 352 -5.16 11.34 -5.16
N SER A 353 -6.27 10.62 -5.23
CA SER A 353 -6.21 9.15 -5.24
C SER A 353 -6.50 8.53 -6.61
N ASP A 354 -7.16 9.30 -7.51
CA ASP A 354 -7.50 8.81 -8.84
C ASP A 354 -6.40 9.23 -9.83
N LYS A 355 -6.52 10.38 -10.50
CA LYS A 355 -5.50 10.89 -11.41
C LYS A 355 -4.72 12.02 -10.74
N ALA A 356 -3.48 12.28 -11.22
CA ALA A 356 -2.67 13.38 -10.72
C ALA A 356 -3.39 14.71 -11.02
N TYR A 357 -3.29 15.70 -10.14
CA TYR A 357 -3.90 17.00 -10.37
C TYR A 357 -3.35 17.65 -11.64
N LYS A 358 -4.20 18.32 -12.41
CA LYS A 358 -3.73 19.06 -13.58
C LYS A 358 -3.24 20.42 -13.06
N ILE A 359 -1.97 20.79 -13.34
CA ILE A 359 -1.41 22.08 -12.90
C ILE A 359 -2.29 23.28 -13.38
N GLU A 360 -3.00 23.12 -14.51
CA GLU A 360 -3.87 24.16 -15.01
C GLU A 360 -5.05 24.39 -14.07
N GLU A 361 -5.60 23.32 -13.46
CA GLU A 361 -6.71 23.49 -12.53
C GLU A 361 -6.24 23.97 -11.15
N LEU A 362 -5.04 23.55 -10.70
CA LEU A 362 -4.53 23.99 -9.40
C LEU A 362 -4.14 25.48 -9.41
N PHE A 363 -3.62 25.95 -10.55
CA PHE A 363 -3.10 27.31 -10.63
C PHE A 363 -3.93 28.33 -11.34
N TYR A 364 -4.74 27.91 -12.33
CA TYR A 364 -5.49 28.90 -13.12
C TYR A 364 -6.98 28.93 -12.75
N SER A 365 -7.71 29.87 -13.36
CA SER A 365 -9.11 30.21 -13.10
C SER A 365 -9.19 31.26 -11.97
N TYR A 366 -8.22 32.22 -11.98
CA TYR A 366 -8.04 33.33 -11.05
C TYR A 366 -8.00 32.92 -9.58
N HIS A 369 -4.82 34.39 -3.08
CA HIS A 369 -3.68 33.79 -3.80
C HIS A 369 -2.70 34.85 -4.23
N SER A 370 -1.40 34.50 -4.31
CA SER A 370 -0.43 35.43 -4.87
C SER A 370 -0.73 35.64 -6.38
N ASP A 371 -1.42 34.63 -7.02
CA ASP A 371 -1.81 34.52 -8.42
C ASP A 371 -0.58 34.21 -9.27
N LYS A 372 0.52 34.93 -9.01
CA LYS A 372 1.78 34.71 -9.71
C LYS A 372 2.60 33.61 -9.02
N PHE A 373 2.27 32.34 -9.35
CA PHE A 373 3.05 31.20 -8.86
C PHE A 373 4.48 31.19 -9.43
N THR A 374 4.66 31.85 -10.60
CA THR A 374 5.92 32.09 -11.31
C THR A 374 6.92 32.91 -10.46
N ASP A 375 6.43 33.66 -9.44
CA ASP A 375 7.27 34.44 -8.53
C ASP A 375 7.73 33.49 -7.42
N GLY A 376 9.02 33.53 -7.11
CA GLY A 376 9.58 32.71 -6.05
C GLY A 376 9.60 31.23 -6.37
N VAL A 377 9.28 30.40 -5.35
CA VAL A 377 9.33 28.96 -5.54
C VAL A 377 8.03 28.27 -5.09
N CYS A 378 7.74 27.13 -5.70
CA CYS A 378 6.57 26.32 -5.42
C CYS A 378 7.04 25.05 -4.74
N LEU A 379 6.41 24.70 -3.62
CA LEU A 379 6.76 23.51 -2.86
C LEU A 379 5.61 22.51 -3.01
N PHE A 380 5.86 21.37 -3.65
CA PHE A 380 4.85 20.33 -3.82
C PHE A 380 5.29 19.13 -3.02
N TRP A 381 4.97 19.10 -1.72
CA TRP A 381 5.40 17.98 -0.86
C TRP A 381 4.32 16.93 -0.80
N ASN A 382 4.50 15.87 -1.60
CA ASN A 382 3.54 14.80 -1.79
C ASN A 382 2.25 15.29 -2.44
N CYS A 383 2.31 16.39 -3.24
CA CYS A 383 1.15 16.89 -3.94
C CYS A 383 1.39 16.51 -5.41
N ASN A 384 0.74 15.44 -5.89
CA ASN A 384 0.97 14.85 -7.21
C ASN A 384 0.31 15.58 -8.35
N VAL A 385 1.11 16.21 -9.21
CA VAL A 385 0.57 16.99 -10.32
C VAL A 385 1.09 16.41 -11.67
N ASP A 386 0.33 16.63 -12.75
CA ASP A 386 0.68 16.10 -14.05
C ASP A 386 2.06 16.63 -14.59
N ARG A 387 2.38 17.90 -14.34
CA ARG A 387 3.62 18.49 -14.80
C ARG A 387 3.97 19.63 -13.88
N TYR A 388 5.11 19.49 -13.19
CA TYR A 388 5.53 20.50 -12.25
C TYR A 388 6.07 21.73 -12.96
N PRO A 389 5.78 22.92 -12.41
CA PRO A 389 6.41 24.14 -12.96
C PRO A 389 7.92 24.13 -12.71
N ALA A 390 8.69 24.86 -13.52
CA ALA A 390 10.16 24.90 -13.39
C ALA A 390 10.66 25.40 -12.05
N ASN A 391 9.96 26.35 -11.39
CA ASN A 391 10.43 26.87 -10.08
C ASN A 391 9.91 26.02 -8.90
N SER A 392 10.15 24.69 -8.92
CA SER A 392 9.60 23.81 -7.90
C SER A 392 10.61 23.04 -7.06
N ILE A 393 10.19 22.66 -5.85
CA ILE A 393 10.81 21.78 -4.86
C ILE A 393 9.75 20.69 -4.73
N VAL A 394 10.09 19.45 -5.09
CA VAL A 394 9.08 18.38 -5.15
C VAL A 394 9.47 17.09 -4.48
N CYS A 395 8.53 16.51 -3.73
CA CYS A 395 8.63 15.17 -3.18
C CYS A 395 7.46 14.37 -3.82
N ARG A 396 7.80 13.37 -4.64
CA ARG A 396 6.78 12.54 -5.30
C ARG A 396 7.03 11.08 -4.96
N PHE A 397 6.02 10.42 -4.40
CA PHE A 397 6.09 9.02 -4.06
C PHE A 397 6.06 8.18 -5.35
N ASP A 398 7.04 7.27 -5.47
CA ASP A 398 7.17 6.36 -6.60
C ASP A 398 6.40 5.11 -6.30
N THR A 399 5.25 4.97 -6.94
CA THR A 399 4.34 3.86 -6.76
C THR A 399 4.95 2.50 -7.11
N ARG A 400 6.02 2.47 -7.91
CA ARG A 400 6.67 1.21 -8.31
C ARG A 400 7.44 0.55 -7.19
N VAL A 401 7.83 1.31 -6.14
CA VAL A 401 8.62 0.79 -5.03
C VAL A 401 8.01 -0.47 -4.39
N LEU A 402 8.86 -1.50 -4.18
CA LEU A 402 8.47 -2.77 -3.55
C LEU A 402 8.70 -2.64 -2.06
N SER A 403 7.62 -2.70 -1.24
CA SER A 403 7.75 -2.65 0.23
C SER A 403 6.50 -3.21 0.95
N ASN A 404 6.62 -3.48 2.26
CA ASN A 404 5.50 -3.93 3.07
C ASN A 404 4.42 -2.83 3.27
N LEU A 405 4.79 -1.55 3.05
CA LEU A 405 3.86 -0.43 3.19
C LEU A 405 3.06 -0.16 1.92
N ASN A 406 3.66 -0.44 0.78
CA ASN A 406 3.11 -0.17 -0.53
C ASN A 406 2.46 -1.40 -1.15
N LEU A 407 1.14 -1.41 -1.22
CA LEU A 407 0.41 -2.51 -1.79
C LEU A 407 0.07 -2.19 -3.26
N PRO A 408 -0.04 -3.21 -4.14
CA PRO A 408 -0.40 -2.94 -5.54
C PRO A 408 -1.79 -2.28 -5.63
N GLY A 409 -1.93 -1.34 -6.55
CA GLY A 409 -3.17 -0.61 -6.69
C GLY A 409 -3.87 -0.67 -8.03
N CYS A 410 -4.68 0.35 -8.30
N CYS A 410 -4.64 0.38 -8.32
CA CYS A 410 -5.51 0.44 -9.49
CA CYS A 410 -5.43 0.47 -9.55
C CYS A 410 -4.92 1.33 -10.60
C CYS A 410 -4.78 1.28 -10.61
N ASP A 411 -4.93 0.82 -11.85
CA ASP A 411 -4.45 1.54 -13.02
C ASP A 411 -3.00 2.06 -12.93
N GLY A 412 -2.10 1.25 -12.40
CA GLY A 412 -0.71 1.65 -12.25
C GLY A 412 -0.37 2.25 -10.90
N GLY A 413 -1.37 2.80 -10.23
CA GLY A 413 -1.18 3.40 -8.91
C GLY A 413 -0.94 2.36 -7.83
N SER A 414 -0.65 2.83 -6.63
CA SER A 414 -0.37 1.94 -5.52
C SER A 414 -1.04 2.44 -4.26
N LEU A 415 -1.36 1.52 -3.36
CA LEU A 415 -2.00 1.88 -2.11
C LEU A 415 -0.93 1.97 -1.06
N TYR A 416 -0.54 3.18 -0.66
CA TYR A 416 0.54 3.36 0.33
C TYR A 416 -0.06 3.44 1.72
N VAL A 417 0.23 2.43 2.56
CA VAL A 417 -0.38 2.35 3.89
C VAL A 417 0.62 2.60 5.00
N ASN A 418 0.58 3.78 5.60
CA ASN A 418 1.46 4.20 6.68
C ASN A 418 0.59 5.13 7.53
N LYS A 419 0.06 4.58 8.65
CA LYS A 419 -0.90 5.19 9.59
C LYS A 419 -2.29 5.31 8.93
N HIS A 420 -2.33 5.82 7.70
CA HIS A 420 -3.53 5.93 6.91
C HIS A 420 -3.28 5.30 5.53
N ALA A 421 -4.36 5.00 4.79
CA ALA A 421 -4.24 4.41 3.45
C ALA A 421 -4.38 5.50 2.40
N PHE A 422 -3.41 5.60 1.48
CA PHE A 422 -3.41 6.60 0.42
C PHE A 422 -3.19 5.96 -0.92
N HIS A 423 -4.23 5.89 -1.75
CA HIS A 423 -4.05 5.37 -3.10
C HIS A 423 -3.39 6.52 -3.87
N THR A 424 -2.22 6.27 -4.46
CA THR A 424 -1.39 7.27 -5.16
C THR A 424 -1.42 6.96 -6.65
N PRO A 425 -1.64 7.97 -7.53
CA PRO A 425 -1.64 7.71 -8.98
C PRO A 425 -0.28 7.26 -9.49
N ALA A 426 -0.24 6.48 -10.57
CA ALA A 426 0.98 5.96 -11.15
C ALA A 426 2.08 7.00 -11.35
N PHE A 427 3.29 6.64 -10.87
CA PHE A 427 4.49 7.44 -11.02
C PHE A 427 4.74 7.70 -12.55
N ASP A 428 4.96 8.95 -12.93
CA ASP A 428 5.15 9.32 -14.32
C ASP A 428 6.40 10.20 -14.41
N LYS A 429 7.47 9.71 -15.07
CA LYS A 429 8.73 10.45 -15.21
C LYS A 429 8.57 11.79 -15.94
N SER A 430 7.56 11.90 -16.81
CA SER A 430 7.31 13.13 -17.56
C SER A 430 6.81 14.28 -16.67
N ALA A 431 6.26 14.00 -15.48
CA ALA A 431 5.82 15.07 -14.57
C ALA A 431 6.97 16.03 -14.19
N PHE A 432 8.21 15.53 -14.26
CA PHE A 432 9.45 16.19 -13.86
C PHE A 432 10.33 16.71 -14.99
N VAL A 433 9.80 16.88 -16.23
CA VAL A 433 10.62 17.38 -17.35
C VAL A 433 11.21 18.77 -17.11
N ASN A 434 10.55 19.66 -16.34
CA ASN A 434 11.12 21.00 -16.06
C ASN A 434 12.10 21.02 -14.87
N LEU A 435 12.27 19.88 -14.20
CA LEU A 435 13.12 19.79 -13.02
C LEU A 435 14.30 18.81 -13.23
N LYS A 436 15.15 18.70 -12.22
CA LYS A 436 16.23 17.73 -12.18
C LYS A 436 16.12 16.94 -10.86
N GLN A 437 16.78 15.78 -10.79
CA GLN A 437 16.82 15.01 -9.56
C GLN A 437 17.63 15.79 -8.53
N LEU A 438 17.11 15.88 -7.31
CA LEU A 438 17.81 16.60 -6.25
C LEU A 438 18.89 15.68 -5.66
N PRO A 439 20.15 16.13 -5.67
CA PRO A 439 21.22 15.29 -5.11
C PRO A 439 21.27 15.33 -3.59
N PHE A 440 21.90 14.32 -2.98
CA PHE A 440 22.08 14.32 -1.53
C PHE A 440 23.12 15.40 -1.16
N PHE A 441 22.85 16.07 -0.07
CA PHE A 441 23.73 17.02 0.58
C PHE A 441 23.21 17.15 2.02
N TYR A 442 24.08 17.53 2.92
CA TYR A 442 23.71 17.81 4.29
C TYR A 442 24.11 19.28 4.53
N TYR A 443 23.26 20.13 5.09
CA TYR A 443 23.64 21.54 5.35
C TYR A 443 23.43 21.85 6.83
N SER A 444 24.35 22.59 7.42
CA SER A 444 24.21 23.04 8.79
C SER A 444 24.98 24.32 9.10
N ASP A 445 24.30 25.26 9.73
CA ASP A 445 24.84 26.53 10.21
C ASP A 445 24.94 26.55 11.77
N SER A 446 24.59 25.44 12.45
CA SER A 446 24.64 25.35 13.90
C SER A 446 26.10 25.36 14.36
N PRO A 447 26.37 25.81 15.60
CA PRO A 447 27.76 25.87 16.06
C PRO A 447 28.46 24.51 16.13
N CYS A 448 29.76 24.51 15.84
CA CYS A 448 30.58 23.31 15.93
C CYS A 448 30.87 23.11 17.41
N GLU A 449 30.11 22.23 18.05
CA GLU A 449 30.22 21.96 19.48
C GLU A 449 29.55 20.62 19.76
N SER A 450 30.34 19.65 20.29
CA SER A 450 29.98 18.26 20.59
C SER A 450 28.81 18.05 21.60
N HIS A 451 29.00 18.37 22.90
CA HIS A 451 28.00 18.21 23.97
C HIS A 451 27.47 16.78 24.16
N GLY A 452 27.87 16.15 25.27
CA GLY A 452 27.40 14.82 25.63
C GLY A 452 28.45 13.73 25.54
N ILE A 459 28.86 5.94 21.41
CA ILE A 459 28.96 6.36 20.03
C ILE A 459 30.39 6.78 19.70
N ASP A 460 31.24 5.85 19.26
CA ASP A 460 32.65 6.18 18.95
C ASP A 460 32.80 6.89 17.57
N TYR A 461 34.02 7.39 17.27
CA TYR A 461 34.27 8.21 16.09
C TYR A 461 35.38 7.74 15.14
N VAL A 462 35.16 7.99 13.83
CA VAL A 462 36.05 7.79 12.69
C VAL A 462 35.92 9.09 11.90
N PRO A 463 37.01 9.81 11.61
CA PRO A 463 36.88 11.12 10.94
C PRO A 463 36.08 11.13 9.64
N LEU A 464 35.17 12.11 9.50
CA LEU A 464 34.35 12.21 8.30
C LEU A 464 35.02 13.09 7.26
N LYS A 465 35.10 12.57 6.03
CA LYS A 465 35.57 13.30 4.85
C LYS A 465 34.44 13.20 3.80
N SER A 466 33.81 14.33 3.43
CA SER A 466 32.74 14.31 2.44
C SER A 466 32.60 15.66 1.78
N ALA A 467 32.52 15.69 0.45
CA ALA A 467 32.29 16.92 -0.29
C ALA A 467 30.84 17.44 -0.07
N THR A 468 29.89 16.57 0.32
CA THR A 468 28.49 16.98 0.50
C THR A 468 28.13 17.37 1.95
N CYS A 469 29.14 17.51 2.83
CA CYS A 469 28.89 17.94 4.20
C CYS A 469 29.04 19.44 4.19
N ILE A 470 27.97 20.18 3.92
CA ILE A 470 28.07 21.64 3.79
C ILE A 470 27.98 22.32 5.18
N THR A 471 29.15 22.45 5.81
CA THR A 471 29.31 23.04 7.13
C THR A 471 30.54 23.97 7.16
N ARG A 472 30.54 24.89 8.14
CA ARG A 472 31.61 25.85 8.37
C ARG A 472 32.92 25.11 8.67
N CYS A 473 32.85 23.99 9.43
CA CYS A 473 34.04 23.18 9.76
C CYS A 473 34.61 22.52 8.52
N ASN A 474 33.76 22.02 7.62
CA ASN A 474 34.23 21.43 6.36
C ASN A 474 34.82 22.49 5.41
N LEU A 475 34.25 23.69 5.44
CA LEU A 475 34.75 24.84 4.68
C LEU A 475 36.18 25.16 5.22
N GLY A 476 36.30 25.21 6.55
CA GLY A 476 37.57 25.40 7.23
C GLY A 476 38.55 24.26 7.08
N GLY A 477 38.16 23.18 6.39
CA GLY A 477 39.04 22.06 6.10
C GLY A 477 38.99 20.79 6.93
N ALA A 478 38.18 20.74 7.99
CA ALA A 478 38.11 19.54 8.86
C ALA A 478 36.75 19.40 9.58
N VAL A 479 35.93 18.42 9.20
CA VAL A 479 34.62 18.22 9.83
C VAL A 479 34.72 17.91 11.33
N CYS A 480 34.05 18.73 12.15
CA CYS A 480 34.00 18.57 13.60
C CYS A 480 33.17 17.31 13.96
N ARG A 481 33.30 16.80 15.20
CA ARG A 481 32.59 15.59 15.61
C ARG A 481 31.07 15.76 15.61
N HIS A 482 30.59 16.92 16.06
CA HIS A 482 29.14 17.18 16.08
C HIS A 482 28.53 17.11 14.67
N HIS A 483 29.14 17.80 13.70
CA HIS A 483 28.60 17.80 12.34
C HIS A 483 28.78 16.46 11.63
N ALA A 484 29.77 15.66 12.02
CA ALA A 484 29.97 14.32 11.45
C ALA A 484 28.87 13.39 11.96
N ASN A 485 28.50 13.47 13.26
CA ASN A 485 27.44 12.64 13.83
C ASN A 485 26.11 13.03 13.19
N GLU A 486 25.88 14.35 13.03
CA GLU A 486 24.68 14.91 12.43
C GLU A 486 24.57 14.58 10.97
N TYR A 487 25.69 14.56 10.23
CA TYR A 487 25.73 14.23 8.81
C TYR A 487 25.33 12.76 8.65
N ARG A 488 25.94 11.86 9.44
CA ARG A 488 25.68 10.42 9.36
C ARG A 488 24.26 10.06 9.71
N LEU A 489 23.68 10.75 10.71
CA LEU A 489 22.29 10.54 11.10
C LEU A 489 21.37 11.00 9.99
N TYR A 490 21.69 12.16 9.36
CA TYR A 490 20.90 12.70 8.26
C TYR A 490 20.98 11.83 7.00
N LEU A 491 22.16 11.30 6.68
CA LEU A 491 22.31 10.42 5.53
C LEU A 491 21.47 9.12 5.76
N ASP A 492 21.36 8.65 7.01
CA ASP A 492 20.56 7.48 7.33
C ASP A 492 19.10 7.76 7.13
N ALA A 493 18.63 8.95 7.56
CA ALA A 493 17.25 9.41 7.40
C ALA A 493 16.95 9.58 5.90
N TYR A 494 17.88 10.15 5.15
CA TYR A 494 17.75 10.30 3.71
C TYR A 494 17.55 8.97 3.00
N ASN A 495 18.43 7.99 3.24
CA ASN A 495 18.37 6.67 2.60
C ASN A 495 17.11 5.91 2.96
N MET A 496 16.62 6.09 4.19
CA MET A 496 15.40 5.47 4.64
C MET A 496 14.20 6.02 3.80
N MET A 497 14.15 7.35 3.65
CA MET A 497 13.10 8.00 2.90
C MET A 497 13.11 7.60 1.40
N ILE A 498 14.31 7.49 0.82
CA ILE A 498 14.45 7.11 -0.59
C ILE A 498 14.03 5.66 -0.81
N SER A 499 14.56 4.75 0.01
CA SER A 499 14.26 3.33 -0.05
C SER A 499 12.77 3.03 0.21
N ALA A 500 12.09 3.89 1.00
CA ALA A 500 10.65 3.79 1.23
C ALA A 500 9.83 4.11 -0.05
N GLY A 501 10.45 4.72 -1.07
CA GLY A 501 9.81 5.00 -2.34
C GLY A 501 9.69 6.45 -2.74
N PHE A 502 10.10 7.38 -1.87
CA PHE A 502 9.98 8.79 -2.17
C PHE A 502 11.10 9.28 -3.08
N SER A 503 10.78 10.19 -3.98
CA SER A 503 11.78 10.76 -4.91
C SER A 503 11.73 12.28 -4.80
N LEU A 504 12.89 12.92 -4.83
CA LEU A 504 13.06 14.36 -4.69
C LEU A 504 13.53 15.01 -5.96
N TRP A 505 12.90 16.14 -6.30
CA TRP A 505 13.17 16.90 -7.53
C TRP A 505 13.25 18.39 -7.22
N VAL A 506 14.09 19.13 -7.95
CA VAL A 506 14.30 20.54 -7.68
C VAL A 506 14.48 21.33 -8.98
N TYR A 507 14.25 22.66 -8.93
CA TYR A 507 14.46 23.57 -10.06
C TYR A 507 15.94 23.42 -10.55
N LYS A 508 16.15 23.46 -11.87
CA LYS A 508 17.45 23.22 -12.50
C LYS A 508 18.60 24.14 -12.03
N GLN A 509 18.31 25.34 -11.54
CA GLN A 509 19.35 26.26 -11.08
C GLN A 509 19.89 25.93 -9.66
N PHE A 510 19.27 24.97 -8.96
CA PHE A 510 19.70 24.59 -7.62
C PHE A 510 21.13 24.10 -7.59
N ASP A 511 21.94 24.76 -6.78
CA ASP A 511 23.35 24.45 -6.70
C ASP A 511 23.81 24.61 -5.29
N THR A 512 24.29 23.52 -4.67
CA THR A 512 24.79 23.57 -3.29
C THR A 512 26.08 24.42 -3.15
N TYR A 513 26.75 24.75 -4.28
CA TYR A 513 27.92 25.61 -4.24
C TYR A 513 27.55 27.00 -3.68
N ASN A 514 26.27 27.43 -3.89
CA ASN A 514 25.76 28.68 -3.38
C ASN A 514 25.51 28.67 -1.85
N LEU A 515 25.66 27.51 -1.18
CA LEU A 515 25.48 27.42 0.27
C LEU A 515 26.78 27.73 1.06
N TRP A 516 27.95 27.58 0.45
CA TRP A 516 29.22 27.83 1.15
C TRP A 516 29.37 29.29 1.61
N ASN A 517 28.83 30.26 0.83
CA ASN A 517 28.92 31.68 1.19
C ASN A 517 27.92 32.12 2.27
N THR A 518 27.08 31.19 2.78
CA THR A 518 26.24 31.50 3.94
C THR A 518 27.07 31.42 5.27
N PHE A 519 28.38 31.08 5.21
CA PHE A 519 29.32 31.08 6.33
C PHE A 519 30.39 32.13 5.99
N THR A 520 30.17 33.41 6.37
CA THR A 520 31.15 34.46 6.07
C THR A 520 31.43 35.38 7.27
ZN ZN B . -6.78 -3.24 -12.51
ZN ZN C . 31.22 21.58 12.65
ZN ZN D . 3.63 -17.79 15.45
P PO4 E . -4.46 -6.19 9.70
O1 PO4 E . -3.28 -6.99 10.35
O2 PO4 E . -3.96 -4.86 8.95
O3 PO4 E . -5.46 -5.80 10.88
O4 PO4 E . -5.19 -7.09 8.58
P PO4 F . 21.98 20.34 13.13
O1 PO4 F . 22.89 20.43 14.40
O2 PO4 F . 22.21 21.63 12.21
O3 PO4 F . 22.27 19.01 12.28
O4 PO4 F . 20.45 20.30 13.60
C13 U0V G . -0.19 -8.48 -2.72
C15 U0V G . -0.93 -9.79 -4.58
C17 U0V G . -2.49 -9.06 -3.10
C02 U0V G . 5.80 -6.64 -0.35
C03 U0V G . 7.05 -6.47 0.19
C04 U0V G . 8.11 -6.26 -0.63
C05 U0V G . 7.92 -6.25 -1.99
C06 U0V G . 6.66 -6.40 -2.53
C07 U0V G . 5.55 -6.61 -1.71
C08 U0V G . 4.21 -6.80 -2.35
C11 U0V G . 2.26 -8.27 -2.29
C12 U0V G . 0.88 -7.79 -1.91
C14 U0V G . 0.09 -9.18 -3.88
C18 U0V G . -1.52 -8.44 -2.33
F01 U0V G . 4.76 -6.82 0.51
N10 U0V G . 3.30 -7.47 -1.65
N16 U0V G . -2.22 -9.72 -4.22
O09 U0V G . 4.00 -6.42 -3.51
C13 U0V H . -0.77 15.26 2.56
C15 U0V H . -2.12 16.32 0.89
C17 U0V H . 0.10 16.16 0.51
C02 U0V H . 2.04 10.63 1.61
C03 U0V H . 2.88 9.72 1.01
C04 U0V H . 2.42 9.03 -0.09
C05 U0V H . 1.15 9.23 -0.55
C06 U0V H . 0.33 10.16 0.06
C07 U0V H . 0.75 10.88 1.18
C08 U0V H . -0.19 11.88 1.78
C11 U0V H . -0.89 13.07 3.79
C12 U0V H . -0.61 14.56 3.89
C14 U0V H . -2.02 15.70 2.12
C18 U0V H . 0.30 15.50 1.71
F01 U0V H . 2.53 11.32 2.67
N10 U0V H . 0.09 12.37 2.98
N16 U0V H . -1.09 16.57 0.09
O09 U0V H . -1.22 12.18 1.17
#